data_3RN2
#
_entry.id   3RN2
#
_cell.length_a   58.560
_cell.length_b   74.770
_cell.length_c   65.520
_cell.angle_alpha   90.00
_cell.angle_beta   89.73
_cell.angle_gamma   90.00
#
_symmetry.space_group_name_H-M   'P 1 21 1'
#
loop_
_entity.id
_entity.type
_entity.pdbx_description
1 polymer 'Interferon-inducible protein AIM2'
2 polymer "DNA (5'-D(*CP*CP*AP*TP*CP*AP*AP*AP*GP*AP*TP*CP*TP*TP*TP*GP*AP*TP*GP*G)-3')"
3 non-polymer 1,2-ETHANEDIOL
4 water water
#
loop_
_entity_poly.entity_id
_entity_poly.type
_entity_poly.pdbx_seq_one_letter_code
_entity_poly.pdbx_strand_id
1 'polypeptide(L)'
;GSVDSIREGFQKRCLPVMVLKAKKPFTFETQEGKQEMFHATVATEKEFFFVKVFNTLLKDKFIPKRIIIIARYYRHSGFL
EVNSASRVLDAESDQKVNVPLNIIRKAGETPKINTLQTQPLGTIVNGLFVVQKVTEKKKNILFDLSDNTGKMEVLGVRNE
DTMKCKEGDKVRLTFFTLSKNGEKLQLTSGVHSTIKVIKAKKKTAAAS
;
A,B
2 'polydeoxyribonucleotide' (DC)(DC)(DA)(DT)(DC)(DA)(DA)(DA)(DG)(DA)(DT)(DC)(DT)(DT)(DT)(DG)(DA)(DT)(DG)(DG) K,L
#
loop_
_chem_comp.id
_chem_comp.type
_chem_comp.name
_chem_comp.formula
DA DNA linking 2'-DEOXYADENOSINE-5'-MONOPHOSPHATE 'C10 H14 N5 O6 P'
DC DNA linking 2'-DEOXYCYTIDINE-5'-MONOPHOSPHATE 'C9 H14 N3 O7 P'
DG DNA linking 2'-DEOXYGUANOSINE-5'-MONOPHOSPHATE 'C10 H14 N5 O7 P'
DT DNA linking THYMIDINE-5'-MONOPHOSPHATE 'C10 H15 N2 O8 P'
EDO non-polymer 1,2-ETHANEDIOL 'C2 H6 O2'
#
# COMPACT_ATOMS: atom_id res chain seq x y z
N GLU A 8 36.47 -6.26 -0.13
CA GLU A 8 36.77 -5.19 -1.08
C GLU A 8 37.43 -5.75 -2.34
N GLY A 9 37.07 -5.17 -3.48
CA GLY A 9 37.62 -5.61 -4.75
C GLY A 9 36.94 -6.84 -5.30
N PHE A 10 37.68 -7.63 -6.08
CA PHE A 10 37.16 -8.84 -6.69
C PHE A 10 36.92 -9.93 -5.64
N GLN A 11 35.75 -10.55 -5.69
CA GLN A 11 35.42 -11.64 -4.77
C GLN A 11 35.28 -12.95 -5.53
N LYS A 12 36.22 -13.86 -5.32
CA LYS A 12 36.23 -15.13 -6.04
C LYS A 12 35.25 -16.15 -5.44
N ARG A 13 35.21 -16.24 -4.12
CA ARG A 13 34.39 -17.23 -3.43
C ARG A 13 32.90 -17.06 -3.68
N CYS A 14 32.18 -18.17 -3.62
CA CYS A 14 30.73 -18.16 -3.80
C CYS A 14 30.03 -17.49 -2.63
N LEU A 15 29.00 -16.70 -2.94
CA LEU A 15 28.24 -16.00 -1.91
C LEU A 15 26.75 -16.25 -2.08
N PRO A 16 26.23 -17.29 -1.41
CA PRO A 16 24.79 -17.57 -1.47
C PRO A 16 23.98 -16.39 -0.98
N VAL A 17 22.99 -15.97 -1.76
CA VAL A 17 22.17 -14.81 -1.41
C VAL A 17 20.75 -14.99 -1.91
N MET A 18 19.80 -14.36 -1.23
CA MET A 18 18.42 -14.35 -1.70
C MET A 18 18.16 -13.08 -2.50
N VAL A 19 17.35 -13.19 -3.54
CA VAL A 19 17.05 -12.05 -4.39
C VAL A 19 15.80 -11.34 -3.91
N LEU A 20 15.98 -10.12 -3.41
CA LEU A 20 14.86 -9.31 -2.92
C LEU A 20 14.11 -8.65 -4.07
N LYS A 21 14.85 -8.07 -5.01
CA LYS A 21 14.24 -7.38 -6.14
C LYS A 21 15.03 -7.59 -7.43
N ALA A 22 14.32 -7.86 -8.52
CA ALA A 22 14.95 -7.97 -9.84
C ALA A 22 14.18 -7.14 -10.85
N LYS A 23 14.83 -6.13 -11.41
CA LYS A 23 14.17 -5.21 -12.34
C LYS A 23 14.28 -5.71 -13.78
N LYS A 24 13.67 -4.98 -14.71
CA LYS A 24 13.68 -5.35 -16.11
C LYS A 24 14.88 -4.74 -16.83
N PRO A 25 15.52 -5.53 -17.71
CA PRO A 25 16.70 -5.09 -18.46
C PRO A 25 16.46 -3.80 -19.23
N PHE A 26 17.38 -2.85 -19.09
CA PHE A 26 17.31 -1.58 -19.82
C PHE A 26 18.60 -1.37 -20.60
N THR A 27 18.56 -0.47 -21.58
CA THR A 27 19.72 -0.21 -22.43
C THR A 27 20.34 1.16 -22.17
N PHE A 28 21.67 1.18 -22.06
CA PHE A 28 22.41 2.43 -21.90
C PHE A 28 23.48 2.54 -22.98
N GLU A 29 24.24 3.64 -22.95
CA GLU A 29 25.22 3.92 -24.00
C GLU A 29 26.65 3.96 -23.46
N THR A 30 27.58 3.45 -24.26
CA THR A 30 29.00 3.50 -23.93
C THR A 30 29.81 3.75 -25.20
N GLN A 31 31.13 3.72 -25.09
CA GLN A 31 32.00 3.93 -26.24
C GLN A 31 31.90 2.76 -27.23
N GLU A 32 31.50 1.60 -26.71
CA GLU A 32 31.33 0.41 -27.55
C GLU A 32 29.94 0.37 -28.17
N GLY A 33 29.14 1.39 -27.89
CA GLY A 33 27.78 1.46 -28.40
C GLY A 33 26.75 1.01 -27.38
N LYS A 34 25.55 0.69 -27.86
CA LYS A 34 24.46 0.28 -27.00
C LYS A 34 24.78 -0.98 -26.19
N GLN A 35 24.49 -0.93 -24.90
CA GLN A 35 24.67 -2.06 -24.01
C GLN A 35 23.46 -2.15 -23.07
N GLU A 36 23.17 -3.35 -22.59
CA GLU A 36 22.02 -3.54 -21.71
C GLU A 36 22.38 -4.23 -20.39
N MET A 37 21.63 -3.88 -19.35
CA MET A 37 21.83 -4.47 -18.03
C MET A 37 20.52 -4.43 -17.26
N PHE A 38 20.53 -4.94 -16.04
CA PHE A 38 19.36 -4.85 -15.16
C PHE A 38 19.77 -4.72 -13.70
N HIS A 39 19.00 -3.94 -12.95
CA HIS A 39 19.29 -3.70 -11.54
C HIS A 39 18.62 -4.74 -10.64
N ALA A 40 19.35 -5.17 -9.62
CA ALA A 40 18.83 -6.17 -8.69
C ALA A 40 19.25 -5.85 -7.26
N THR A 41 18.49 -6.36 -6.30
CA THR A 41 18.81 -6.19 -4.90
C THR A 41 18.81 -7.54 -4.19
N VAL A 42 19.98 -7.96 -3.71
CA VAL A 42 20.11 -9.24 -3.03
C VAL A 42 20.64 -9.02 -1.62
N ALA A 43 20.40 -9.99 -0.74
CA ALA A 43 20.81 -9.85 0.65
C ALA A 43 21.21 -11.18 1.28
N THR A 44 22.23 -11.13 2.13
CA THR A 44 22.60 -12.27 2.97
C THR A 44 21.87 -12.14 4.30
N GLU A 45 22.24 -12.97 5.27
CA GLU A 45 21.65 -12.90 6.59
C GLU A 45 22.09 -11.64 7.33
N LYS A 46 23.34 -11.24 7.10
CA LYS A 46 23.92 -10.09 7.79
C LYS A 46 23.51 -8.74 7.21
N GLU A 47 23.49 -8.63 5.88
CA GLU A 47 23.20 -7.36 5.24
C GLU A 47 22.67 -7.52 3.81
N PHE A 48 22.51 -6.41 3.11
CA PHE A 48 22.00 -6.43 1.74
C PHE A 48 22.93 -5.65 0.80
N PHE A 49 22.76 -5.88 -0.50
CA PHE A 49 23.58 -5.21 -1.50
C PHE A 49 22.78 -4.90 -2.76
N PHE A 50 23.08 -3.77 -3.40
CA PHE A 50 22.52 -3.47 -4.70
C PHE A 50 23.43 -4.04 -5.76
N VAL A 51 22.85 -4.66 -6.78
CA VAL A 51 23.62 -5.40 -7.76
C VAL A 51 23.48 -4.86 -9.19
N LYS A 52 24.63 -4.62 -9.82
CA LYS A 52 24.65 -4.28 -11.24
C LYS A 52 24.96 -5.54 -12.04
N VAL A 53 23.98 -6.01 -12.81
CA VAL A 53 24.18 -7.18 -13.65
C VAL A 53 24.26 -6.77 -15.10
N PHE A 54 25.46 -6.88 -15.68
CA PHE A 54 25.70 -6.44 -17.05
C PHE A 54 25.37 -7.56 -18.05
N ASN A 55 25.15 -8.76 -17.54
CA ASN A 55 24.71 -9.87 -18.37
C ASN A 55 23.22 -10.10 -18.19
N THR A 56 22.45 -9.78 -19.22
CA THR A 56 21.00 -9.83 -19.14
C THR A 56 20.45 -11.24 -19.25
N LEU A 57 21.30 -12.19 -19.64
CA LEU A 57 20.90 -13.59 -19.75
C LEU A 57 20.72 -14.20 -18.37
N LEU A 58 21.10 -13.44 -17.34
CA LEU A 58 20.98 -13.90 -15.97
C LEU A 58 19.69 -13.40 -15.33
N LYS A 59 18.88 -12.70 -16.11
CA LYS A 59 17.63 -12.13 -15.61
C LYS A 59 16.72 -13.23 -15.07
N ASP A 60 16.65 -14.35 -15.80
CA ASP A 60 15.82 -15.47 -15.38
C ASP A 60 16.32 -16.09 -14.08
N LYS A 61 17.61 -15.95 -13.82
CA LYS A 61 18.20 -16.48 -12.59
C LYS A 61 17.90 -15.58 -11.39
N PHE A 62 17.71 -14.29 -11.64
CA PHE A 62 17.38 -13.36 -10.58
C PHE A 62 15.86 -13.19 -10.47
N ILE A 63 15.30 -13.73 -9.40
CA ILE A 63 13.87 -13.61 -9.13
C ILE A 63 13.66 -13.49 -7.62
N PRO A 64 12.68 -12.66 -7.20
CA PRO A 64 12.38 -12.52 -5.78
C PRO A 64 12.07 -13.84 -5.11
N LYS A 65 12.36 -13.96 -3.82
CA LYS A 65 12.06 -15.16 -3.05
C LYS A 65 12.99 -16.33 -3.39
N ARG A 66 13.86 -16.13 -4.38
CA ARG A 66 14.76 -17.19 -4.82
C ARG A 66 16.17 -17.04 -4.24
N ILE A 67 16.80 -18.18 -3.95
CA ILE A 67 18.15 -18.20 -3.42
C ILE A 67 19.14 -18.62 -4.51
N ILE A 68 20.17 -17.82 -4.70
CA ILE A 68 21.18 -18.11 -5.72
C ILE A 68 22.59 -18.01 -5.16
N ILE A 69 23.56 -18.52 -5.91
CA ILE A 69 24.95 -18.49 -5.50
C ILE A 69 25.79 -17.70 -6.49
N ILE A 70 26.33 -16.57 -6.05
CA ILE A 70 27.12 -15.71 -6.93
C ILE A 70 28.62 -15.83 -6.63
N ALA A 71 29.39 -16.06 -7.69
CA ALA A 71 30.83 -16.20 -7.55
C ALA A 71 31.56 -15.40 -8.62
N ARG A 72 32.85 -15.12 -8.38
CA ARG A 72 33.66 -14.35 -9.31
C ARG A 72 33.02 -13.02 -9.64
N TYR A 73 32.60 -12.29 -8.61
CA TYR A 73 31.95 -11.00 -8.79
C TYR A 73 32.83 -9.87 -8.25
N TYR A 74 32.32 -8.65 -8.31
CA TYR A 74 33.06 -7.48 -7.84
C TYR A 74 32.31 -6.71 -6.76
N ARG A 75 33.06 -6.19 -5.79
CA ARG A 75 32.49 -5.39 -4.72
C ARG A 75 33.27 -4.08 -4.61
N HIS A 76 32.60 -2.96 -4.86
CA HIS A 76 33.30 -1.68 -4.88
C HIS A 76 33.06 -0.89 -3.60
N SER A 77 31.90 -0.25 -3.50
CA SER A 77 31.54 0.50 -2.30
C SER A 77 30.13 0.20 -1.82
N GLY A 78 29.15 0.68 -2.59
CA GLY A 78 27.76 0.56 -2.22
C GLY A 78 26.98 -0.47 -3.03
N PHE A 79 27.70 -1.41 -3.65
CA PHE A 79 27.06 -2.34 -4.56
C PHE A 79 28.01 -3.42 -5.08
N LEU A 80 27.44 -4.38 -5.80
CA LEU A 80 28.20 -5.49 -6.36
C LEU A 80 28.09 -5.50 -7.88
N GLU A 81 29.20 -5.81 -8.54
CA GLU A 81 29.21 -5.88 -10.00
C GLU A 81 29.25 -7.32 -10.50
N VAL A 82 28.19 -7.71 -11.22
CA VAL A 82 28.11 -9.04 -11.80
C VAL A 82 28.21 -8.94 -13.33
N ASN A 83 29.24 -9.55 -13.89
CA ASN A 83 29.49 -9.47 -15.32
C ASN A 83 29.60 -10.85 -15.99
N SER A 84 29.93 -10.83 -17.28
CA SER A 84 30.03 -12.06 -18.06
C SER A 84 31.08 -13.02 -17.50
N ALA A 85 32.08 -12.47 -16.82
CA ALA A 85 33.16 -13.28 -16.25
C ALA A 85 32.74 -13.94 -14.95
N SER A 86 31.58 -13.57 -14.43
CA SER A 86 31.08 -14.13 -13.18
C SER A 86 30.29 -15.40 -13.44
N ARG A 87 29.84 -16.04 -12.36
CA ARG A 87 29.02 -17.23 -12.47
C ARG A 87 27.89 -17.24 -11.43
N VAL A 88 26.67 -17.45 -11.91
CA VAL A 88 25.50 -17.50 -11.03
C VAL A 88 24.85 -18.88 -11.07
N LEU A 89 24.65 -19.47 -9.89
CA LEU A 89 24.10 -20.81 -9.79
C LEU A 89 22.85 -20.82 -8.91
N ASP A 90 22.06 -21.88 -9.04
CA ASP A 90 20.83 -22.01 -8.26
C ASP A 90 21.03 -22.89 -7.03
N ALA A 91 20.47 -22.46 -5.90
CA ALA A 91 20.54 -23.22 -4.66
C ALA A 91 19.73 -24.51 -4.78
N GLU A 92 20.05 -25.49 -3.94
CA GLU A 92 19.39 -26.78 -4.01
C GLU A 92 18.60 -27.12 -2.74
N SER A 93 19.32 -27.48 -1.68
CA SER A 93 18.68 -27.88 -0.42
C SER A 93 19.30 -27.17 0.78
N ASP A 94 20.55 -27.52 1.07
CA ASP A 94 21.24 -26.99 2.25
C ASP A 94 21.25 -25.47 2.29
N GLN A 95 21.26 -24.85 1.12
CA GLN A 95 21.26 -23.39 1.04
C GLN A 95 19.91 -22.83 1.47
N LYS A 96 19.94 -21.93 2.45
CA LYS A 96 18.74 -21.33 2.99
C LYS A 96 18.83 -19.81 3.01
N VAL A 97 19.77 -19.29 3.79
CA VAL A 97 19.99 -17.86 3.87
C VAL A 97 18.73 -17.12 4.29
N ASN A 98 18.35 -17.27 5.56
CA ASN A 98 17.19 -16.58 6.08
C ASN A 98 17.51 -15.13 6.40
N VAL A 99 16.80 -14.22 5.74
CA VAL A 99 17.04 -12.79 5.91
C VAL A 99 16.07 -12.19 6.90
N PRO A 100 16.59 -11.51 7.94
CA PRO A 100 15.75 -10.88 8.97
C PRO A 100 14.80 -9.85 8.37
N LEU A 101 13.63 -9.69 8.99
CA LEU A 101 12.60 -8.78 8.49
C LEU A 101 13.13 -7.37 8.31
N ASN A 102 14.10 -6.98 9.14
CA ASN A 102 14.66 -5.65 9.09
C ASN A 102 15.45 -5.36 7.81
N ILE A 103 16.24 -6.32 7.37
CA ILE A 103 17.04 -6.16 6.16
C ILE A 103 16.15 -6.09 4.92
N ILE A 104 15.21 -7.02 4.82
CA ILE A 104 14.25 -7.03 3.71
C ILE A 104 13.53 -5.68 3.64
N ARG A 105 13.25 -5.11 4.80
CA ARG A 105 12.55 -3.84 4.90
C ARG A 105 13.42 -2.68 4.45
N LYS A 106 14.60 -2.55 5.05
CA LYS A 106 15.49 -1.43 4.78
C LYS A 106 16.04 -1.45 3.36
N ALA A 107 16.01 -2.61 2.73
CA ALA A 107 16.51 -2.75 1.36
C ALA A 107 15.51 -2.19 0.36
N GLY A 108 14.23 -2.28 0.70
CA GLY A 108 13.17 -1.78 -0.16
C GLY A 108 12.60 -0.45 0.31
N GLU A 109 13.36 0.27 1.12
CA GLU A 109 12.90 1.56 1.65
C GLU A 109 13.69 2.74 1.09
N THR A 110 13.03 3.89 1.00
CA THR A 110 13.66 5.12 0.56
C THR A 110 14.37 5.79 1.73
N PRO A 111 15.68 6.03 1.59
CA PRO A 111 16.47 6.66 2.66
C PRO A 111 16.09 8.12 2.85
N LYS A 112 16.02 8.56 4.10
CA LYS A 112 15.68 9.95 4.40
C LYS A 112 16.84 10.87 4.04
N ILE A 113 16.52 12.04 3.50
CA ILE A 113 17.52 12.99 3.03
C ILE A 113 18.52 13.36 4.13
N ASN A 114 18.01 13.64 5.33
CA ASN A 114 18.86 14.03 6.45
C ASN A 114 19.93 12.99 6.77
N THR A 115 19.64 11.74 6.46
CA THR A 115 20.56 10.63 6.73
C THR A 115 21.65 10.56 5.66
N LEU A 116 21.38 11.13 4.50
CA LEU A 116 22.33 11.11 3.38
C LEU A 116 23.45 12.12 3.59
N GLN A 117 23.28 13.02 4.54
CA GLN A 117 24.30 14.02 4.84
C GLN A 117 25.42 13.43 5.67
N THR A 118 25.11 12.36 6.41
CA THR A 118 26.10 11.68 7.24
C THR A 118 26.74 10.54 6.47
N GLN A 119 26.26 10.29 5.25
CA GLN A 119 26.79 9.22 4.42
C GLN A 119 27.99 9.70 3.62
N PRO A 120 28.99 8.82 3.44
CA PRO A 120 30.20 9.13 2.67
C PRO A 120 29.89 9.26 1.18
N LEU A 121 30.79 9.88 0.43
CA LEU A 121 30.61 10.06 -1.00
C LEU A 121 30.73 8.74 -1.75
N GLY A 122 29.85 8.53 -2.72
CA GLY A 122 29.85 7.29 -3.49
C GLY A 122 28.72 6.37 -3.07
N THR A 123 27.91 6.83 -2.13
CA THR A 123 26.78 6.05 -1.64
C THR A 123 25.67 5.96 -2.68
N ILE A 124 25.26 4.74 -3.00
CA ILE A 124 24.18 4.53 -3.95
C ILE A 124 22.83 4.90 -3.33
N VAL A 125 22.06 5.72 -4.05
CA VAL A 125 20.79 6.21 -3.52
C VAL A 125 19.60 5.78 -4.38
N ASN A 126 18.74 4.95 -3.80
CA ASN A 126 17.53 4.50 -4.46
C ASN A 126 16.30 4.84 -3.63
N GLY A 127 15.30 5.44 -4.26
CA GLY A 127 14.07 5.77 -3.55
C GLY A 127 13.13 6.70 -4.29
N LEU A 128 11.94 6.87 -3.74
CA LEU A 128 10.93 7.75 -4.32
C LEU A 128 10.91 9.07 -3.56
N PHE A 129 11.14 10.17 -4.29
CA PHE A 129 11.22 11.49 -3.67
C PHE A 129 10.25 12.49 -4.30
N VAL A 130 9.86 13.49 -3.52
CA VAL A 130 8.98 14.55 -4.00
C VAL A 130 9.77 15.58 -4.80
N VAL A 131 9.12 16.17 -5.80
CA VAL A 131 9.78 17.16 -6.64
C VAL A 131 9.29 18.58 -6.33
N GLN A 132 10.20 19.41 -5.84
CA GLN A 132 9.88 20.81 -5.56
C GLN A 132 9.95 21.66 -6.81
N LYS A 133 11.15 21.80 -7.37
CA LYS A 133 11.35 22.59 -8.57
C LYS A 133 12.18 21.85 -9.62
N VAL A 134 11.81 22.02 -10.88
CA VAL A 134 12.52 21.38 -11.98
C VAL A 134 13.21 22.42 -12.86
N THR A 135 14.55 22.43 -12.82
CA THR A 135 15.33 23.35 -13.63
C THR A 135 15.95 22.63 -14.82
N GLU A 136 15.47 22.93 -16.02
CA GLU A 136 15.96 22.27 -17.22
C GLU A 136 17.27 22.89 -17.71
N LYS A 137 18.23 22.03 -18.05
CA LYS A 137 19.51 22.46 -18.59
C LYS A 137 19.63 22.03 -20.04
N LYS A 138 20.75 22.37 -20.67
CA LYS A 138 20.99 22.02 -22.06
C LYS A 138 20.96 20.51 -22.27
N LYS A 139 21.98 19.82 -21.76
CA LYS A 139 22.07 18.36 -21.89
C LYS A 139 21.55 17.62 -20.66
N ASN A 140 21.15 18.38 -19.64
CA ASN A 140 20.76 17.78 -18.36
C ASN A 140 19.47 18.38 -17.81
N ILE A 141 18.92 17.71 -16.80
CA ILE A 141 17.73 18.22 -16.11
C ILE A 141 17.96 18.24 -14.60
N LEU A 142 17.95 19.44 -14.02
CA LEU A 142 18.16 19.60 -12.58
C LEU A 142 16.86 19.42 -11.81
N PHE A 143 16.86 18.48 -10.87
CA PHE A 143 15.69 18.22 -10.05
C PHE A 143 15.92 18.65 -8.60
N ASP A 144 15.00 19.44 -8.06
CA ASP A 144 15.01 19.76 -6.64
C ASP A 144 14.08 18.81 -5.91
N LEU A 145 14.66 17.92 -5.11
CA LEU A 145 13.89 16.90 -4.39
C LEU A 145 13.89 17.18 -2.90
N SER A 146 12.83 16.77 -2.22
CA SER A 146 12.71 17.01 -0.79
C SER A 146 11.81 15.99 -0.10
N ASP A 147 11.97 15.90 1.22
CA ASP A 147 11.10 15.07 2.05
C ASP A 147 10.88 15.77 3.38
N ASN A 148 10.24 15.07 4.32
CA ASN A 148 9.98 15.62 5.64
C ASN A 148 11.26 15.99 6.39
N THR A 149 12.36 15.32 6.03
CA THR A 149 13.62 15.50 6.76
C THR A 149 14.59 16.50 6.13
N GLY A 150 14.23 17.06 4.98
CA GLY A 150 15.10 18.03 4.33
C GLY A 150 14.97 18.10 2.82
N LYS A 151 16.00 18.67 2.19
CA LYS A 151 15.99 18.88 0.74
C LYS A 151 17.32 18.49 0.11
N MET A 152 17.30 18.26 -1.20
CA MET A 152 18.51 17.94 -1.94
C MET A 152 18.34 18.25 -3.43
N GLU A 153 19.45 18.35 -4.14
CA GLU A 153 19.41 18.58 -5.58
C GLU A 153 19.97 17.39 -6.35
N VAL A 154 19.24 16.95 -7.37
CA VAL A 154 19.63 15.78 -8.14
C VAL A 154 19.68 16.09 -9.64
N LEU A 155 20.76 15.66 -10.28
CA LEU A 155 20.93 15.86 -11.73
C LEU A 155 20.48 14.61 -12.48
N GLY A 156 19.38 14.72 -13.21
CA GLY A 156 18.87 13.62 -14.01
C GLY A 156 19.14 13.78 -15.49
N VAL A 157 18.93 12.71 -16.25
CA VAL A 157 19.12 12.74 -17.69
C VAL A 157 17.98 13.48 -18.38
N ARG A 158 18.23 13.95 -19.59
CA ARG A 158 17.23 14.69 -20.35
C ARG A 158 16.59 13.83 -21.42
N ASN A 159 15.32 13.49 -21.23
CA ASN A 159 14.57 12.69 -22.19
C ASN A 159 13.07 13.02 -22.15
N GLU A 160 12.30 12.32 -22.97
CA GLU A 160 10.87 12.59 -23.09
C GLU A 160 10.13 12.43 -21.77
N ASP A 161 10.36 11.32 -21.08
CA ASP A 161 9.69 11.04 -19.82
C ASP A 161 10.08 12.03 -18.73
N THR A 162 11.37 12.29 -18.60
CA THR A 162 11.87 13.20 -17.57
C THR A 162 11.44 14.64 -17.81
N MET A 163 11.24 15.00 -19.07
CA MET A 163 10.82 16.35 -19.42
C MET A 163 9.33 16.56 -19.19
N LYS A 164 8.62 15.47 -18.90
CA LYS A 164 7.20 15.55 -18.55
C LYS A 164 7.03 15.78 -17.06
N CYS A 165 8.13 15.66 -16.32
CA CYS A 165 8.10 15.86 -14.88
C CYS A 165 8.01 17.35 -14.53
N LYS A 166 7.08 17.68 -13.64
CA LYS A 166 6.88 19.05 -13.22
C LYS A 166 6.68 19.13 -11.71
N GLU A 167 6.73 20.34 -11.17
CA GLU A 167 6.57 20.55 -9.74
C GLU A 167 5.30 19.88 -9.20
N GLY A 168 5.45 19.12 -8.13
CA GLY A 168 4.34 18.42 -7.52
C GLY A 168 4.36 16.93 -7.77
N ASP A 169 5.20 16.51 -8.72
CA ASP A 169 5.34 15.10 -9.05
C ASP A 169 6.39 14.42 -8.19
N LYS A 170 6.69 13.17 -8.53
CA LYS A 170 7.72 12.41 -7.83
C LYS A 170 8.62 11.69 -8.83
N VAL A 171 9.77 11.23 -8.36
CA VAL A 171 10.71 10.51 -9.22
C VAL A 171 11.33 9.32 -8.50
N ARG A 172 11.36 8.19 -9.18
CA ARG A 172 11.99 6.99 -8.65
C ARG A 172 13.43 6.90 -9.15
N LEU A 173 14.38 7.08 -8.24
CA LEU A 173 15.79 7.05 -8.59
C LEU A 173 16.37 5.67 -8.31
N THR A 174 17.18 5.17 -9.24
CA THR A 174 17.82 3.87 -9.08
C THR A 174 19.30 3.93 -9.46
N PHE A 175 20.14 3.51 -8.52
CA PHE A 175 21.59 3.51 -8.70
C PHE A 175 22.17 4.89 -8.97
N PHE A 176 21.58 5.91 -8.34
CA PHE A 176 22.17 7.24 -8.35
C PHE A 176 23.29 7.30 -7.32
N THR A 177 24.25 8.19 -7.53
CA THR A 177 25.40 8.30 -6.65
C THR A 177 25.36 9.60 -5.87
N LEU A 178 25.92 9.59 -4.66
CA LEU A 178 25.98 10.80 -3.84
C LEU A 178 27.30 11.50 -4.09
N SER A 179 27.25 12.65 -4.78
CA SER A 179 28.45 13.39 -5.12
C SER A 179 28.77 14.48 -4.10
N LYS A 180 27.82 14.76 -3.21
CA LYS A 180 28.03 15.78 -2.19
C LYS A 180 27.21 15.48 -0.94
N ASN A 181 27.79 15.79 0.22
CA ASN A 181 27.10 15.56 1.49
C ASN A 181 27.12 16.78 2.40
N GLY A 182 26.56 16.62 3.60
CA GLY A 182 26.47 17.72 4.55
C GLY A 182 25.54 18.81 4.06
N GLU A 183 26.02 20.05 4.09
CA GLU A 183 25.24 21.18 3.61
C GLU A 183 25.12 21.16 2.09
N LYS A 184 23.90 21.32 1.58
CA LYS A 184 23.65 21.29 0.15
C LYS A 184 24.13 19.98 -0.45
N LEU A 185 23.49 18.88 -0.04
CA LEU A 185 23.83 17.56 -0.56
C LEU A 185 23.29 17.38 -1.98
N GLN A 186 24.07 16.70 -2.82
CA GLN A 186 23.72 16.56 -4.23
C GLN A 186 23.88 15.13 -4.73
N LEU A 187 23.00 14.73 -5.64
CA LEU A 187 23.08 13.43 -6.29
C LEU A 187 23.36 13.63 -7.78
N THR A 188 24.05 12.67 -8.38
CA THR A 188 24.38 12.74 -9.80
C THR A 188 24.03 11.44 -10.52
N SER A 189 23.48 11.57 -11.72
CA SER A 189 23.14 10.41 -12.53
C SER A 189 24.38 9.82 -13.20
N GLY A 190 24.55 8.52 -13.07
CA GLY A 190 25.69 7.84 -13.67
C GLY A 190 25.33 7.22 -15.01
N VAL A 191 26.17 6.29 -15.46
CA VAL A 191 25.94 5.60 -16.72
C VAL A 191 24.88 4.51 -16.56
N HIS A 192 24.88 3.88 -15.39
CA HIS A 192 23.97 2.78 -15.10
C HIS A 192 22.71 3.24 -14.38
N SER A 193 22.60 4.54 -14.15
CA SER A 193 21.48 5.10 -13.39
C SER A 193 20.19 5.16 -14.22
N THR A 194 19.06 5.01 -13.54
CA THR A 194 17.76 5.11 -14.20
C THR A 194 16.79 5.92 -13.35
N ILE A 195 15.99 6.75 -14.02
CA ILE A 195 15.03 7.60 -13.31
C ILE A 195 13.63 7.53 -13.93
N LYS A 196 12.66 7.10 -13.14
CA LYS A 196 11.28 7.00 -13.60
C LYS A 196 10.42 8.09 -12.96
N VAL A 197 9.65 8.79 -13.78
CA VAL A 197 8.79 9.87 -13.30
C VAL A 197 7.40 9.36 -12.92
N ILE A 198 6.95 9.74 -11.74
CA ILE A 198 5.62 9.35 -11.27
C ILE A 198 4.71 10.58 -11.17
N LYS A 199 3.68 10.61 -12.01
CA LYS A 199 2.75 11.73 -12.02
C LYS A 199 1.72 11.63 -10.90
N ALA A 200 1.69 12.65 -10.04
CA ALA A 200 0.76 12.69 -8.92
C ALA A 200 -0.66 13.00 -9.39
N LYS A 201 -1.64 12.62 -8.57
CA LYS A 201 -3.05 12.86 -8.88
C LYS A 201 -3.43 12.27 -10.23
N GLU B 8 -36.63 8.74 7.68
CA GLU B 8 -36.47 7.33 8.00
C GLU B 8 -37.32 6.46 7.08
N GLY B 9 -36.80 6.17 5.89
CA GLY B 9 -37.52 5.38 4.91
C GLY B 9 -37.06 5.71 3.50
N PHE B 10 -37.91 5.44 2.52
CA PHE B 10 -37.59 5.76 1.13
C PHE B 10 -37.47 7.26 0.94
N GLN B 11 -36.35 7.69 0.36
CA GLN B 11 -36.10 9.11 0.13
C GLN B 11 -36.06 9.42 -1.36
N LYS B 12 -37.06 10.17 -1.83
CA LYS B 12 -37.15 10.52 -3.24
C LYS B 12 -36.20 11.67 -3.58
N ARG B 13 -36.13 12.66 -2.70
CA ARG B 13 -35.31 13.85 -2.94
C ARG B 13 -33.82 13.51 -3.05
N CYS B 14 -33.15 14.11 -4.03
CA CYS B 14 -31.73 13.90 -4.23
C CYS B 14 -30.92 14.39 -3.04
N LEU B 15 -29.99 13.55 -2.58
CA LEU B 15 -29.11 13.93 -1.48
C LEU B 15 -27.67 14.02 -1.96
N PRO B 16 -27.14 15.25 -2.06
CA PRO B 16 -25.74 15.45 -2.45
C PRO B 16 -24.80 14.98 -1.34
N VAL B 17 -23.76 14.22 -1.72
CA VAL B 17 -22.81 13.70 -0.74
C VAL B 17 -21.42 13.56 -1.33
N MET B 18 -20.42 13.51 -0.46
CA MET B 18 -19.05 13.24 -0.88
C MET B 18 -18.66 11.84 -0.42
N VAL B 19 -18.07 11.06 -1.33
CA VAL B 19 -17.70 9.69 -1.02
C VAL B 19 -16.40 9.65 -0.22
N LEU B 20 -16.48 9.11 1.00
CA LEU B 20 -15.30 8.98 1.85
C LEU B 20 -14.45 7.76 1.48
N LYS B 21 -15.09 6.61 1.32
CA LYS B 21 -14.40 5.40 0.91
C LYS B 21 -15.31 4.39 0.22
N ALA B 22 -14.72 3.57 -0.65
CA ALA B 22 -15.45 2.49 -1.30
C ALA B 22 -14.61 1.21 -1.30
N LYS B 23 -15.14 0.16 -0.67
CA LYS B 23 -14.43 -1.11 -0.59
C LYS B 23 -14.65 -1.96 -1.84
N LYS B 24 -14.02 -3.13 -1.88
CA LYS B 24 -14.16 -4.03 -3.01
C LYS B 24 -15.47 -4.82 -2.93
N PRO B 25 -16.10 -5.03 -4.10
CA PRO B 25 -17.34 -5.81 -4.18
C PRO B 25 -17.14 -7.25 -3.70
N PHE B 26 -18.15 -7.80 -3.04
CA PHE B 26 -18.09 -9.16 -2.54
C PHE B 26 -19.38 -9.91 -2.91
N THR B 27 -19.35 -11.24 -2.78
CA THR B 27 -20.49 -12.07 -3.12
C THR B 27 -21.10 -12.74 -1.90
N PHE B 28 -22.43 -12.82 -1.87
CA PHE B 28 -23.13 -13.51 -0.80
C PHE B 28 -24.22 -14.43 -1.35
N GLU B 29 -24.89 -15.15 -0.46
CA GLU B 29 -25.89 -16.14 -0.85
C GLU B 29 -27.13 -16.02 0.01
N THR B 30 -28.29 -15.91 -0.62
CA THR B 30 -29.55 -15.88 0.12
C THR B 30 -30.51 -17.01 -0.32
N GLN B 31 -31.15 -16.81 -1.46
CA GLN B 31 -32.05 -17.82 -2.02
C GLN B 31 -31.80 -18.05 -3.51
N GLU B 32 -32.02 -17.00 -4.30
CA GLU B 32 -31.86 -17.06 -5.75
C GLU B 32 -30.41 -17.32 -6.11
N GLY B 33 -29.54 -17.34 -5.11
CA GLY B 33 -28.13 -17.59 -5.31
C GLY B 33 -27.27 -16.33 -5.31
N LYS B 34 -26.07 -16.45 -5.86
CA LYS B 34 -25.05 -15.41 -5.74
C LYS B 34 -25.53 -14.02 -6.15
N GLN B 35 -25.27 -13.05 -5.27
CA GLN B 35 -25.55 -11.65 -5.53
C GLN B 35 -24.37 -10.80 -5.06
N GLU B 36 -23.97 -9.84 -5.88
CA GLU B 36 -22.79 -9.04 -5.58
C GLU B 36 -23.13 -7.62 -5.13
N MET B 37 -22.32 -7.07 -4.23
CA MET B 37 -22.52 -5.73 -3.71
C MET B 37 -21.21 -5.21 -3.13
N PHE B 38 -21.22 -3.98 -2.64
CA PHE B 38 -20.05 -3.42 -1.96
C PHE B 38 -20.45 -2.39 -0.91
N HIS B 39 -19.58 -2.21 0.08
CA HIS B 39 -19.83 -1.26 1.17
C HIS B 39 -19.08 0.04 0.93
N ALA B 40 -19.73 1.16 1.22
CA ALA B 40 -19.10 2.47 1.07
C ALA B 40 -19.44 3.40 2.22
N THR B 41 -18.85 4.59 2.19
CA THR B 41 -19.14 5.61 3.19
C THR B 41 -19.27 6.98 2.51
N VAL B 42 -20.40 7.63 2.72
CA VAL B 42 -20.64 8.96 2.17
C VAL B 42 -20.93 9.94 3.30
N ALA B 43 -20.70 11.22 3.04
CA ALA B 43 -20.95 12.23 4.06
C ALA B 43 -21.42 13.56 3.49
N THR B 44 -22.39 14.17 4.16
CA THR B 44 -22.79 15.53 3.86
C THR B 44 -22.00 16.47 4.77
N GLU B 45 -22.36 17.75 4.76
CA GLU B 45 -21.70 18.71 5.65
C GLU B 45 -22.12 18.44 7.09
N LYS B 46 -23.33 17.92 7.26
CA LYS B 46 -23.87 17.67 8.59
C LYS B 46 -23.37 16.38 9.24
N GLU B 47 -23.30 15.30 8.45
CA GLU B 47 -22.98 13.99 9.01
C GLU B 47 -22.50 13.00 7.95
N PHE B 48 -22.19 11.78 8.39
CA PHE B 48 -21.74 10.72 7.49
C PHE B 48 -22.61 9.47 7.62
N PHE B 49 -22.59 8.63 6.59
CA PHE B 49 -23.41 7.43 6.58
C PHE B 49 -22.66 6.21 6.04
N PHE B 50 -23.10 5.02 6.43
CA PHE B 50 -22.59 3.78 5.85
C PHE B 50 -23.61 3.28 4.83
N VAL B 51 -23.14 2.97 3.63
CA VAL B 51 -24.05 2.65 2.53
C VAL B 51 -23.89 1.22 2.02
N LYS B 52 -25.02 0.54 1.83
CA LYS B 52 -25.04 -0.74 1.16
C LYS B 52 -25.37 -0.53 -0.32
N VAL B 53 -24.41 -0.81 -1.19
CA VAL B 53 -24.63 -0.64 -2.62
C VAL B 53 -24.81 -2.00 -3.29
N PHE B 54 -26.02 -2.29 -3.73
CA PHE B 54 -26.33 -3.58 -4.33
C PHE B 54 -26.09 -3.59 -5.83
N ASN B 55 -25.75 -2.43 -6.38
CA ASN B 55 -25.37 -2.32 -7.78
C ASN B 55 -23.87 -2.11 -7.93
N THR B 56 -23.18 -3.13 -8.42
CA THR B 56 -21.73 -3.07 -8.55
C THR B 56 -21.29 -2.19 -9.72
N LEU B 57 -22.24 -1.87 -10.60
CA LEU B 57 -21.96 -0.99 -11.73
C LEU B 57 -21.80 0.45 -11.25
N LEU B 58 -22.17 0.69 -10.00
CA LEU B 58 -22.02 2.01 -9.39
C LEU B 58 -20.64 2.17 -8.78
N LYS B 59 -19.81 1.13 -8.90
CA LYS B 59 -18.47 1.17 -8.34
C LYS B 59 -17.66 2.31 -8.92
N ASP B 60 -17.91 2.62 -10.19
CA ASP B 60 -17.25 3.74 -10.86
C ASP B 60 -17.85 5.06 -10.40
N LYS B 61 -19.09 5.01 -9.92
CA LYS B 61 -19.77 6.19 -9.42
C LYS B 61 -19.29 6.56 -8.02
N PHE B 62 -18.95 5.55 -7.21
CA PHE B 62 -18.45 5.80 -5.87
C PHE B 62 -16.93 5.84 -5.85
N ILE B 63 -16.39 7.04 -5.66
CA ILE B 63 -14.94 7.23 -5.53
C ILE B 63 -14.65 8.28 -4.47
N PRO B 64 -13.62 8.05 -3.65
CA PRO B 64 -13.24 9.02 -2.61
C PRO B 64 -12.99 10.41 -3.17
N LYS B 65 -13.32 11.43 -2.39
CA LYS B 65 -13.08 12.83 -2.76
C LYS B 65 -14.03 13.33 -3.85
N ARG B 66 -14.84 12.44 -4.41
CA ARG B 66 -15.78 12.82 -5.45
C ARG B 66 -17.17 13.08 -4.90
N ILE B 67 -17.81 14.15 -5.37
CA ILE B 67 -19.14 14.52 -4.93
C ILE B 67 -20.20 13.95 -5.87
N ILE B 68 -21.06 13.08 -5.34
CA ILE B 68 -22.12 12.47 -6.14
C ILE B 68 -23.49 12.80 -5.58
N ILE B 69 -24.50 12.70 -6.44
CA ILE B 69 -25.88 12.95 -6.05
C ILE B 69 -26.69 11.66 -6.05
N ILE B 70 -27.27 11.32 -4.91
CA ILE B 70 -28.03 10.08 -4.77
C ILE B 70 -29.53 10.35 -4.62
N ALA B 71 -30.33 9.66 -5.41
CA ALA B 71 -31.79 9.79 -5.35
C ALA B 71 -32.43 8.41 -5.23
N ARG B 72 -33.66 8.39 -4.71
CA ARG B 72 -34.39 7.14 -4.54
C ARG B 72 -33.59 6.14 -3.70
N TYR B 73 -33.15 6.59 -2.52
CA TYR B 73 -32.33 5.76 -1.64
C TYR B 73 -33.09 5.44 -0.36
N TYR B 74 -32.74 4.32 0.27
CA TYR B 74 -33.42 3.89 1.49
C TYR B 74 -32.58 4.14 2.74
N ARG B 75 -33.19 4.80 3.72
CA ARG B 75 -32.56 4.98 5.02
C ARG B 75 -33.34 4.16 6.04
N HIS B 76 -32.70 3.16 6.63
CA HIS B 76 -33.42 2.23 7.51
C HIS B 76 -33.19 2.53 8.98
N SER B 77 -32.03 2.15 9.51
CA SER B 77 -31.72 2.41 10.90
C SER B 77 -30.34 3.05 11.09
N GLY B 78 -29.30 2.25 10.88
CA GLY B 78 -27.93 2.71 11.06
C GLY B 78 -27.15 2.86 9.76
N PHE B 79 -27.86 2.82 8.64
CA PHE B 79 -27.19 2.87 7.34
C PHE B 79 -28.11 3.33 6.21
N LEU B 80 -27.56 3.37 5.01
CA LEU B 80 -28.31 3.72 3.81
C LEU B 80 -28.29 2.57 2.82
N GLU B 81 -29.26 2.55 1.90
CA GLU B 81 -29.34 1.50 0.90
C GLU B 81 -29.42 2.08 -0.52
N VAL B 82 -28.59 1.56 -1.41
CA VAL B 82 -28.59 1.99 -2.81
C VAL B 82 -28.63 0.76 -3.72
N ASN B 83 -29.70 0.65 -4.50
CA ASN B 83 -29.87 -0.49 -5.39
C ASN B 83 -30.01 -0.07 -6.85
N SER B 84 -30.21 -1.05 -7.73
CA SER B 84 -30.37 -0.79 -9.15
C SER B 84 -31.63 0.03 -9.43
N ALA B 85 -32.49 0.14 -8.43
CA ALA B 85 -33.73 0.88 -8.57
C ALA B 85 -33.53 2.36 -8.26
N SER B 86 -32.36 2.71 -7.74
CA SER B 86 -32.04 4.09 -7.42
C SER B 86 -31.22 4.72 -8.55
N ARG B 87 -30.86 5.99 -8.38
CA ARG B 87 -30.10 6.71 -9.39
C ARG B 87 -28.98 7.53 -8.78
N VAL B 88 -27.75 7.30 -9.27
CA VAL B 88 -26.58 8.02 -8.78
C VAL B 88 -25.95 8.81 -9.92
N LEU B 89 -25.91 10.13 -9.76
CA LEU B 89 -25.39 11.00 -10.80
C LEU B 89 -24.22 11.84 -10.30
N ASP B 90 -23.42 12.35 -11.22
CA ASP B 90 -22.30 13.21 -10.87
C ASP B 90 -22.79 14.62 -10.56
N ALA B 91 -22.41 15.13 -9.40
CA ALA B 91 -22.83 16.47 -8.97
C ALA B 91 -22.24 17.54 -9.88
N GLU B 92 -22.91 18.68 -9.96
CA GLU B 92 -22.46 19.78 -10.79
C GLU B 92 -21.27 20.49 -10.16
N SER B 93 -20.75 21.50 -10.85
CA SER B 93 -19.62 22.26 -10.35
C SER B 93 -20.03 23.17 -9.19
N ASP B 94 -21.30 23.57 -9.18
CA ASP B 94 -21.83 24.41 -8.13
C ASP B 94 -22.08 23.61 -6.85
N GLN B 95 -22.09 22.29 -6.99
CA GLN B 95 -22.24 21.40 -5.84
C GLN B 95 -20.91 21.27 -5.11
N LYS B 96 -20.90 21.64 -3.84
CA LYS B 96 -19.68 21.63 -3.05
C LYS B 96 -19.67 20.49 -2.03
N VAL B 97 -20.58 20.56 -1.06
CA VAL B 97 -20.66 19.54 -0.02
C VAL B 97 -19.33 19.43 0.71
N ASN B 98 -18.99 20.45 1.49
CA ASN B 98 -17.72 20.47 2.20
C ASN B 98 -17.86 19.81 3.57
N VAL B 99 -17.17 18.69 3.75
CA VAL B 99 -17.27 17.92 4.98
C VAL B 99 -16.11 18.26 5.92
N PRO B 100 -16.44 18.69 7.15
CA PRO B 100 -15.42 19.03 8.15
C PRO B 100 -14.51 17.84 8.43
N LEU B 101 -13.25 18.12 8.76
CA LEU B 101 -12.26 17.08 8.99
C LEU B 101 -12.66 16.12 10.09
N ASN B 102 -13.40 16.62 11.09
CA ASN B 102 -13.82 15.80 12.21
C ASN B 102 -14.79 14.69 11.83
N ILE B 103 -15.59 14.94 10.79
CA ILE B 103 -16.54 13.95 10.30
C ILE B 103 -15.84 12.87 9.48
N ILE B 104 -14.96 13.29 8.58
CA ILE B 104 -14.19 12.36 7.76
C ILE B 104 -13.33 11.46 8.63
N ARG B 105 -12.75 12.06 9.67
CA ARG B 105 -11.91 11.32 10.61
C ARG B 105 -12.72 10.30 11.39
N LYS B 106 -13.81 10.76 11.99
CA LYS B 106 -14.67 9.91 12.80
C LYS B 106 -15.32 8.81 11.96
N ALA B 107 -15.57 9.10 10.69
CA ALA B 107 -16.24 8.15 9.80
C ALA B 107 -15.38 6.93 9.49
N GLY B 108 -14.06 7.10 9.52
CA GLY B 108 -13.14 6.02 9.22
C GLY B 108 -12.44 5.44 10.44
N GLU B 109 -12.72 6.02 11.60
CA GLU B 109 -12.10 5.55 12.85
C GLU B 109 -12.92 4.43 13.50
N THR B 110 -12.21 3.46 14.08
CA THR B 110 -12.84 2.37 14.80
C THR B 110 -13.40 2.86 16.14
N PRO B 111 -14.69 2.60 16.38
CA PRO B 111 -15.35 3.04 17.62
C PRO B 111 -14.84 2.27 18.83
N LYS B 112 -14.72 2.96 19.96
CA LYS B 112 -14.30 2.31 21.20
C LYS B 112 -15.41 1.45 21.75
N ILE B 113 -15.05 0.27 22.26
CA ILE B 113 -16.03 -0.68 22.77
C ILE B 113 -16.94 -0.07 23.83
N ASN B 114 -16.34 0.66 24.77
CA ASN B 114 -17.10 1.29 25.84
C ASN B 114 -18.14 2.28 25.31
N THR B 115 -17.89 2.81 24.12
CA THR B 115 -18.83 3.72 23.46
C THR B 115 -19.97 2.95 22.82
N LEU B 116 -19.68 1.73 22.38
CA LEU B 116 -20.69 0.89 21.74
C LEU B 116 -21.77 0.46 22.73
N GLN B 117 -21.47 0.59 24.02
CA GLN B 117 -22.42 0.23 25.07
C GLN B 117 -23.57 1.23 25.13
N THR B 118 -23.25 2.51 24.92
CA THR B 118 -24.25 3.56 24.95
C THR B 118 -25.06 3.60 23.67
N GLN B 119 -24.51 3.02 22.60
CA GLN B 119 -25.18 2.99 21.30
C GLN B 119 -26.43 2.11 21.34
N PRO B 120 -27.49 2.53 20.62
CA PRO B 120 -28.75 1.81 20.56
C PRO B 120 -28.63 0.54 19.71
N LEU B 121 -29.53 -0.40 19.91
CA LEU B 121 -29.53 -1.65 19.14
C LEU B 121 -29.80 -1.37 17.66
N GLY B 122 -29.02 -2.00 16.80
CA GLY B 122 -29.17 -1.82 15.36
C GLY B 122 -28.06 -0.95 14.78
N THR B 123 -27.26 -0.38 15.65
CA THR B 123 -26.15 0.47 15.23
C THR B 123 -25.12 -0.34 14.44
N ILE B 124 -24.73 0.18 13.27
CA ILE B 124 -23.72 -0.46 12.44
C ILE B 124 -22.33 -0.24 13.02
N VAL B 125 -21.55 -1.31 13.11
CA VAL B 125 -20.21 -1.24 13.67
C VAL B 125 -19.13 -1.68 12.68
N ASN B 126 -18.21 -0.77 12.39
CA ASN B 126 -17.09 -1.06 11.51
C ASN B 126 -15.77 -0.72 12.18
N GLY B 127 -14.77 -1.57 12.02
CA GLY B 127 -13.46 -1.29 12.58
C GLY B 127 -12.56 -2.50 12.74
N LEU B 128 -11.34 -2.25 13.20
CA LEU B 128 -10.36 -3.30 13.41
C LEU B 128 -10.15 -3.52 14.91
N PHE B 129 -10.40 -4.73 15.37
CA PHE B 129 -10.32 -5.04 16.80
C PHE B 129 -9.33 -6.16 17.09
N VAL B 130 -8.86 -6.22 18.33
CA VAL B 130 -7.94 -7.25 18.77
C VAL B 130 -8.69 -8.49 19.27
N VAL B 131 -8.14 -9.67 18.99
CA VAL B 131 -8.78 -10.92 19.38
C VAL B 131 -8.29 -11.43 20.74
N GLN B 132 -9.21 -11.56 21.68
CA GLN B 132 -8.91 -12.12 23.00
C GLN B 132 -8.89 -13.65 22.94
N LYS B 133 -10.05 -14.24 22.68
CA LYS B 133 -10.19 -15.68 22.61
C LYS B 133 -11.18 -16.08 21.53
N VAL B 134 -10.96 -17.25 20.92
CA VAL B 134 -11.84 -17.75 19.88
C VAL B 134 -12.46 -19.08 20.27
N THR B 135 -13.77 -19.08 20.48
CA THR B 135 -14.50 -20.31 20.80
C THR B 135 -15.42 -20.70 19.66
N GLU B 136 -15.18 -21.88 19.08
CA GLU B 136 -15.93 -22.33 17.91
C GLU B 136 -17.32 -22.84 18.27
N LYS B 137 -18.26 -22.64 17.34
CA LYS B 137 -19.62 -23.16 17.50
C LYS B 137 -19.93 -24.09 16.33
N LYS B 138 -21.22 -24.36 16.12
CA LYS B 138 -21.62 -25.23 15.01
C LYS B 138 -21.67 -24.47 13.68
N LYS B 139 -22.62 -23.55 13.55
CA LYS B 139 -22.75 -22.77 12.32
C LYS B 139 -22.07 -21.40 12.43
N ASN B 140 -21.54 -21.09 13.61
CA ASN B 140 -20.91 -19.79 13.82
C ASN B 140 -19.67 -19.84 14.72
N ILE B 141 -18.89 -18.76 14.67
CA ILE B 141 -17.69 -18.63 15.49
C ILE B 141 -17.89 -17.49 16.48
N LEU B 142 -17.45 -17.70 17.72
CA LEU B 142 -17.57 -16.67 18.75
C LEU B 142 -16.22 -15.98 18.97
N PHE B 143 -16.16 -14.70 18.58
CA PHE B 143 -14.93 -13.92 18.73
C PHE B 143 -15.01 -13.03 19.97
N ASP B 144 -14.05 -13.19 20.87
CA ASP B 144 -13.93 -12.30 22.01
C ASP B 144 -12.95 -11.18 21.66
N LEU B 145 -13.46 -9.95 21.57
CA LEU B 145 -12.64 -8.81 21.18
C LEU B 145 -12.50 -7.83 22.33
N SER B 146 -11.41 -7.07 22.32
CA SER B 146 -11.14 -6.14 23.40
C SER B 146 -10.28 -4.96 22.98
N ASP B 147 -10.32 -3.91 23.80
CA ASP B 147 -9.45 -2.75 23.63
C ASP B 147 -9.13 -2.18 25.01
N ASN B 148 -8.49 -1.01 25.03
CA ASN B 148 -8.14 -0.38 26.29
C ASN B 148 -9.37 0.06 27.08
N THR B 149 -10.50 0.21 26.40
CA THR B 149 -11.73 0.68 27.03
C THR B 149 -12.69 -0.42 27.49
N GLY B 150 -12.36 -1.67 27.19
CA GLY B 150 -13.19 -2.78 27.61
C GLY B 150 -13.17 -3.97 26.67
N LYS B 151 -14.14 -4.87 26.85
CA LYS B 151 -14.24 -6.09 26.04
C LYS B 151 -15.65 -6.32 25.54
N MET B 152 -15.78 -7.04 24.42
CA MET B 152 -17.06 -7.38 23.83
C MET B 152 -16.94 -8.68 23.05
N GLU B 153 -18.08 -9.34 22.79
CA GLU B 153 -18.08 -10.57 21.99
C GLU B 153 -18.84 -10.39 20.68
N VAL B 154 -18.32 -11.02 19.63
CA VAL B 154 -18.90 -10.92 18.29
C VAL B 154 -19.13 -12.31 17.71
N LEU B 155 -20.24 -12.48 17.00
CA LEU B 155 -20.54 -13.75 16.35
C LEU B 155 -20.23 -13.69 14.86
N GLY B 156 -19.19 -14.41 14.45
CA GLY B 156 -18.77 -14.40 13.05
C GLY B 156 -19.20 -15.64 12.29
N VAL B 157 -19.05 -15.60 10.97
CA VAL B 157 -19.39 -16.73 10.12
C VAL B 157 -18.31 -17.80 10.21
N ARG B 158 -18.67 -19.04 9.92
CA ARG B 158 -17.73 -20.15 9.98
C ARG B 158 -17.25 -20.56 8.60
N ASN B 159 -15.97 -20.31 8.32
CA ASN B 159 -15.36 -20.69 7.05
C ASN B 159 -13.86 -20.89 7.20
N GLU B 160 -13.20 -21.24 6.09
CA GLU B 160 -11.76 -21.52 6.13
C GLU B 160 -10.94 -20.31 6.55
N ASP B 161 -11.50 -19.12 6.31
CA ASP B 161 -10.81 -17.87 6.66
C ASP B 161 -10.91 -17.57 8.16
N THR B 162 -12.11 -17.71 8.71
CA THR B 162 -12.35 -17.38 10.12
C THR B 162 -11.84 -18.45 11.07
N MET B 163 -11.50 -19.61 10.55
CA MET B 163 -10.96 -20.69 11.36
C MET B 163 -9.45 -20.54 11.55
N LYS B 164 -8.85 -19.65 10.77
CA LYS B 164 -7.43 -19.37 10.88
C LYS B 164 -7.15 -18.31 11.94
N CYS B 165 -8.22 -17.66 12.40
CA CYS B 165 -8.09 -16.60 13.40
C CYS B 165 -7.85 -17.18 14.79
N LYS B 166 -6.77 -16.76 15.42
CA LYS B 166 -6.43 -17.22 16.75
C LYS B 166 -6.14 -16.03 17.66
N GLU B 167 -6.14 -16.28 18.97
CA GLU B 167 -5.86 -15.22 19.94
C GLU B 167 -4.56 -14.50 19.63
N GLY B 168 -4.59 -13.18 19.63
CA GLY B 168 -3.43 -12.39 19.30
C GLY B 168 -3.55 -11.76 17.93
N ASP B 169 -4.52 -12.25 17.15
CA ASP B 169 -4.77 -11.71 15.82
C ASP B 169 -5.76 -10.56 15.89
N LYS B 170 -6.07 -9.99 14.72
CA LYS B 170 -7.02 -8.88 14.63
C LYS B 170 -8.05 -9.16 13.53
N VAL B 171 -9.30 -8.80 13.80
CA VAL B 171 -10.37 -9.02 12.83
C VAL B 171 -10.92 -7.71 12.28
N ARG B 172 -11.29 -7.73 11.00
CA ARG B 172 -11.88 -6.57 10.35
C ARG B 172 -13.39 -6.74 10.24
N LEU B 173 -14.13 -5.96 11.01
CA LEU B 173 -15.59 -6.04 11.01
C LEU B 173 -16.18 -4.98 10.07
N THR B 174 -17.09 -5.42 9.21
CA THR B 174 -17.74 -4.50 8.28
C THR B 174 -19.25 -4.74 8.25
N PHE B 175 -20.01 -3.69 8.57
CA PHE B 175 -21.47 -3.76 8.62
C PHE B 175 -22.00 -4.79 9.60
N PHE B 176 -21.30 -4.95 10.73
CA PHE B 176 -21.80 -5.77 11.83
C PHE B 176 -22.83 -4.97 12.62
N THR B 177 -23.77 -5.67 13.22
CA THR B 177 -24.85 -5.02 13.97
C THR B 177 -24.73 -5.29 15.45
N LEU B 178 -25.16 -4.34 16.27
CA LEU B 178 -25.13 -4.51 17.72
C LEU B 178 -26.48 -5.06 18.19
N SER B 179 -26.49 -6.32 18.59
CA SER B 179 -27.72 -6.96 19.04
C SER B 179 -27.93 -6.85 20.54
N LYS B 180 -26.89 -6.47 21.26
CA LYS B 180 -26.96 -6.38 22.72
C LYS B 180 -26.15 -5.20 23.27
N ASN B 181 -26.76 -4.43 24.16
CA ASN B 181 -26.10 -3.29 24.78
C ASN B 181 -25.98 -3.44 26.30
N GLY B 182 -25.37 -2.45 26.94
CA GLY B 182 -25.12 -2.51 28.37
C GLY B 182 -24.10 -3.58 28.70
N GLU B 183 -24.30 -4.27 29.82
CA GLU B 183 -23.42 -5.37 30.20
C GLU B 183 -23.56 -6.51 29.21
N LYS B 184 -22.45 -7.17 28.89
CA LYS B 184 -22.44 -8.24 27.91
C LYS B 184 -22.95 -7.75 26.55
N LEU B 185 -22.21 -6.84 25.93
CA LEU B 185 -22.58 -6.33 24.62
C LEU B 185 -22.17 -7.33 23.53
N GLN B 186 -22.97 -7.41 22.47
CA GLN B 186 -22.77 -8.41 21.44
C GLN B 186 -22.98 -7.87 20.03
N LEU B 187 -22.10 -8.27 19.12
CA LEU B 187 -22.24 -7.94 17.70
C LEU B 187 -22.57 -9.20 16.91
N THR B 188 -23.40 -9.04 15.87
CA THR B 188 -23.82 -10.17 15.07
C THR B 188 -23.52 -9.97 13.59
N SER B 189 -23.18 -11.07 12.91
CA SER B 189 -22.91 -11.04 11.48
C SER B 189 -24.19 -11.21 10.68
N GLY B 190 -24.51 -10.20 9.87
CA GLY B 190 -25.71 -10.25 9.05
C GLY B 190 -25.43 -10.83 7.67
N VAL B 191 -26.44 -10.81 6.81
CA VAL B 191 -26.29 -11.34 5.45
C VAL B 191 -25.28 -10.53 4.65
N HIS B 192 -25.30 -9.22 4.85
CA HIS B 192 -24.43 -8.31 4.10
C HIS B 192 -23.15 -7.99 4.87
N SER B 193 -22.98 -8.60 6.04
CA SER B 193 -21.79 -8.38 6.85
C SER B 193 -20.59 -9.12 6.28
N THR B 194 -19.41 -8.51 6.42
CA THR B 194 -18.17 -9.13 5.97
C THR B 194 -17.10 -9.04 7.05
N ILE B 195 -16.25 -10.05 7.11
CA ILE B 195 -15.18 -10.09 8.10
C ILE B 195 -13.88 -10.62 7.50
N LYS B 196 -12.76 -10.00 7.90
CA LYS B 196 -11.45 -10.42 7.43
C LYS B 196 -10.51 -10.66 8.60
N VAL B 197 -9.73 -11.74 8.52
CA VAL B 197 -8.78 -12.08 9.58
C VAL B 197 -7.38 -11.56 9.26
N ILE B 198 -6.91 -10.61 10.05
CA ILE B 198 -5.57 -10.06 9.89
C ILE B 198 -4.60 -10.81 10.79
N LYS B 199 -3.52 -11.31 10.21
CA LYS B 199 -2.57 -12.14 10.94
C LYS B 199 -1.74 -11.33 11.92
N ALA B 200 -0.84 -12.01 12.63
CA ALA B 200 0.02 -11.36 13.61
C ALA B 200 1.47 -11.84 13.49
C1 EDO E . 26.11 4.42 -11.95
O1 EDO E . 27.38 4.51 -12.59
C2 EDO E . 26.22 4.90 -10.51
O2 EDO E . 27.22 4.13 -9.83
C1 EDO F . 30.49 -10.33 0.63
O1 EDO F . 30.38 -9.73 1.92
C2 EDO F . 31.19 -9.37 -0.32
O2 EDO F . 32.51 -9.08 0.17
C1 EDO G . -32.46 11.18 4.66
O1 EDO G . -33.04 11.16 5.97
C2 EDO G . -30.93 11.12 4.78
O2 EDO G . -30.47 12.26 5.50
C1 EDO H . -17.00 0.57 6.07
O1 EDO H . -18.30 -0.03 5.96
C2 EDO H . -16.53 1.01 4.70
O2 EDO H . -17.49 1.91 4.12
C1 EDO I . -24.61 5.64 9.37
O1 EDO I . -25.82 6.37 9.56
C2 EDO I . -23.46 6.35 10.09
O2 EDO I . -23.75 6.46 11.48
C1 EDO J . 0.41 10.99 4.83
O1 EDO J . 0.01 12.28 5.29
C2 EDO J . 1.88 10.86 5.13
O2 EDO J . 2.16 9.55 5.64
#